data_3PFT
#
_entry.id   3PFT
#
_cell.length_a   131.174
_cell.length_b   131.174
_cell.length_c   131.174
_cell.angle_alpha   90.000
_cell.angle_beta   90.000
_cell.angle_gamma   90.000
#
_symmetry.space_group_name_H-M   'I 2 3'
#
loop_
_entity.id
_entity.type
_entity.pdbx_description
1 polymer 'Flavin reductase'
2 non-polymer 'FLAVIN MONONUCLEOTIDE'
3 water water
#
_entity_poly.entity_id   1
_entity_poly.type   'polypeptide(L)'
_entity_poly.pdbx_seq_one_letter_code
;DLSPTSLREAFGHFPSGVIAIAAEVDGTRVGLAASTFVPVSLEPPLVAFAVQNSSTTWPKLKDLPSLGISVLGEAHDTAA
RTLAAKTGDRFAGLETESRDSGAVFINGTSVWLESAIEQLVPAGDHTIVVLRVSDIVINEAVPPIVFHRSAFRKLGA
;
_entity_poly.pdbx_strand_id   A,B
#
loop_
_chem_comp.id
_chem_comp.type
_chem_comp.name
_chem_comp.formula
FMN non-polymer 'FLAVIN MONONUCLEOTIDE' 'C17 H21 N4 O9 P'
#
# COMPACT_ATOMS: atom_id res chain seq x y z
N ASP A 1 -19.30 -13.31 2.83
CA ASP A 1 -19.39 -13.08 1.39
C ASP A 1 -18.02 -12.69 0.82
N LEU A 2 -17.48 -13.55 -0.04
CA LEU A 2 -16.19 -13.28 -0.67
C LEU A 2 -16.33 -12.98 -2.15
N SER A 3 -17.48 -12.46 -2.55
CA SER A 3 -17.71 -12.06 -3.93
C SER A 3 -16.84 -10.85 -4.26
N PRO A 4 -16.60 -10.60 -5.56
CA PRO A 4 -15.85 -9.40 -5.92
C PRO A 4 -16.44 -8.12 -5.35
N THR A 5 -17.77 -7.96 -5.32
CA THR A 5 -18.34 -6.72 -4.80
CA THR A 5 -18.37 -6.74 -4.80
C THR A 5 -18.10 -6.57 -3.30
N SER A 6 -18.12 -7.68 -2.58
CA SER A 6 -17.90 -7.66 -1.13
C SER A 6 -16.46 -7.32 -0.84
N LEU A 7 -15.55 -7.85 -1.65
CA LEU A 7 -14.14 -7.55 -1.49
C LEU A 7 -13.86 -6.11 -1.85
N ARG A 8 -14.44 -5.60 -2.94
CA ARG A 8 -14.26 -4.20 -3.28
CA ARG A 8 -14.25 -4.20 -3.30
C ARG A 8 -14.65 -3.32 -2.13
N GLU A 9 -15.77 -3.66 -1.48
CA GLU A 9 -16.24 -2.85 -0.38
C GLU A 9 -15.24 -2.91 0.76
N ALA A 10 -14.84 -4.11 1.15
CA ALA A 10 -13.94 -4.26 2.27
C ALA A 10 -12.60 -3.59 1.99
N PHE A 11 -12.04 -3.85 0.80
CA PHE A 11 -10.75 -3.32 0.43
C PHE A 11 -10.81 -1.79 0.39
N GLY A 12 -11.94 -1.24 -0.01
CA GLY A 12 -12.09 0.20 -0.04
C GLY A 12 -11.97 0.87 1.31
N HIS A 13 -12.14 0.12 2.38
CA HIS A 13 -11.99 0.67 3.73
C HIS A 13 -10.53 0.85 4.12
N PHE A 14 -9.62 0.27 3.35
CA PHE A 14 -8.19 0.54 3.57
C PHE A 14 -7.78 1.82 2.83
N PRO A 15 -7.31 2.83 3.57
CA PRO A 15 -6.94 4.10 2.93
C PRO A 15 -5.54 4.06 2.38
N SER A 16 -5.31 4.72 1.26
CA SER A 16 -3.96 4.85 0.75
CA SER A 16 -3.96 4.87 0.77
C SER A 16 -3.84 6.08 -0.13
N GLY A 17 -2.61 6.55 -0.31
CA GLY A 17 -2.34 7.60 -1.27
C GLY A 17 -2.55 7.12 -2.69
N VAL A 18 -2.41 8.07 -3.61
CA VAL A 18 -2.54 7.76 -5.03
C VAL A 18 -1.29 8.28 -5.72
N ILE A 19 -0.70 7.47 -6.58
CA ILE A 19 0.45 7.90 -7.37
C ILE A 19 0.05 7.98 -8.82
N ALA A 20 0.71 8.89 -9.54
CA ALA A 20 0.71 8.87 -10.99
C ALA A 20 1.93 8.08 -11.49
N ILE A 21 1.68 7.07 -12.32
CA ILE A 21 2.76 6.32 -12.98
C ILE A 21 2.75 6.78 -14.44
N ALA A 22 3.85 7.34 -14.92
CA ALA A 22 3.81 8.00 -16.24
C ALA A 22 5.14 7.97 -16.97
N ALA A 23 5.07 7.98 -18.30
CA ALA A 23 6.25 8.04 -19.15
C ALA A 23 5.84 8.70 -20.46
N GLU A 24 6.83 9.07 -21.28
CA GLU A 24 6.51 9.68 -22.56
C GLU A 24 7.08 8.80 -23.64
N VAL A 25 6.23 8.45 -24.60
CA VAL A 25 6.60 7.58 -25.69
C VAL A 25 6.32 8.29 -27.02
N ASP A 26 7.38 8.54 -27.78
CA ASP A 26 7.23 9.16 -29.09
C ASP A 26 6.44 10.47 -28.99
N GLY A 27 6.73 11.25 -27.97
CA GLY A 27 6.12 12.56 -27.80
C GLY A 27 4.78 12.59 -27.10
N THR A 28 4.24 11.42 -26.74
CA THR A 28 2.94 11.35 -26.09
C THR A 28 3.07 10.77 -24.69
N ARG A 29 2.58 11.51 -23.70
CA ARG A 29 2.58 11.02 -22.32
C ARG A 29 1.59 9.88 -22.16
N VAL A 30 1.99 8.86 -21.41
CA VAL A 30 1.14 7.71 -21.14
C VAL A 30 1.19 7.46 -19.63
N GLY A 31 0.05 7.19 -19.01
CA GLY A 31 0.10 6.96 -17.58
C GLY A 31 -1.18 6.43 -17.00
N LEU A 32 -1.16 6.14 -15.70
CA LEU A 32 -2.37 5.73 -15.00
C LEU A 32 -2.25 6.12 -13.54
N ALA A 33 -3.36 6.08 -12.83
CA ALA A 33 -3.36 6.34 -11.38
C ALA A 33 -3.31 4.99 -10.67
N ALA A 34 -2.54 4.90 -9.58
CA ALA A 34 -2.50 3.67 -8.78
C ALA A 34 -2.59 4.01 -7.30
N SER A 35 -3.39 3.25 -6.56
CA SER A 35 -3.49 3.45 -5.12
C SER A 35 -2.85 2.31 -4.33
N THR A 36 -2.13 1.43 -5.01
CA THR A 36 -1.57 0.25 -4.38
C THR A 36 -0.05 0.34 -4.22
N PHE A 37 0.46 1.57 -4.23
CA PHE A 37 1.90 1.77 -4.01
C PHE A 37 2.36 1.39 -2.60
N VAL A 38 3.44 0.62 -2.52
CA VAL A 38 4.05 0.32 -1.23
CA VAL A 38 4.03 0.29 -1.24
C VAL A 38 5.56 0.32 -1.34
N PRO A 39 6.22 0.85 -0.31
CA PRO A 39 7.69 0.74 -0.23
C PRO A 39 8.03 -0.68 0.16
N VAL A 40 9.05 -1.27 -0.48
CA VAL A 40 9.35 -2.68 -0.26
C VAL A 40 10.69 -2.92 0.41
N SER A 41 11.73 -2.25 -0.08
CA SER A 41 13.09 -2.50 0.40
C SER A 41 13.91 -1.23 0.40
N LEU A 42 14.84 -1.12 1.35
CA LEU A 42 15.72 0.05 1.40
C LEU A 42 17.04 -0.27 0.71
N GLU A 43 17.52 -1.49 0.89
CA GLU A 43 18.80 -1.94 0.37
C GLU A 43 18.62 -3.32 -0.25
N PRO A 44 18.45 -3.38 -1.58
CA PRO A 44 18.44 -2.29 -2.54
C PRO A 44 17.10 -1.55 -2.47
N PRO A 45 17.02 -0.37 -3.11
CA PRO A 45 15.78 0.41 -3.05
C PRO A 45 14.69 -0.15 -3.96
N LEU A 46 13.62 -0.70 -3.39
CA LEU A 46 12.52 -1.29 -4.15
C LEU A 46 11.18 -0.79 -3.65
N VAL A 47 10.26 -0.57 -4.59
CA VAL A 47 8.85 -0.27 -4.29
C VAL A 47 7.99 -1.19 -5.14
N ALA A 48 6.68 -1.18 -4.92
CA ALA A 48 5.80 -2.04 -5.72
C ALA A 48 4.42 -1.41 -5.83
N PHE A 49 3.65 -1.88 -6.80
CA PHE A 49 2.20 -1.63 -6.83
C PHE A 49 1.55 -2.84 -7.47
N ALA A 50 0.22 -2.86 -7.50
CA ALA A 50 -0.49 -3.98 -8.10
C ALA A 50 -1.23 -3.48 -9.32
N VAL A 51 -0.96 -4.09 -10.47
CA VAL A 51 -1.62 -3.69 -11.71
C VAL A 51 -2.65 -4.70 -12.17
N GLN A 52 -3.79 -4.21 -12.65
CA GLN A 52 -4.86 -5.10 -13.11
C GLN A 52 -4.38 -5.84 -14.36
N ASN A 53 -4.57 -7.16 -14.40
CA ASN A 53 -4.06 -7.93 -15.53
C ASN A 53 -4.74 -7.59 -16.86
N SER A 54 -5.98 -7.11 -16.77
CA SER A 54 -6.72 -6.72 -17.97
C SER A 54 -6.38 -5.31 -18.48
N SER A 55 -5.47 -4.61 -17.81
CA SER A 55 -5.14 -3.24 -18.19
C SER A 55 -4.64 -3.16 -19.62
N THR A 56 -5.18 -2.21 -20.38
CA THR A 56 -4.68 -1.95 -21.72
C THR A 56 -3.59 -0.87 -21.73
N THR A 57 -3.44 -0.15 -20.61
CA THR A 57 -2.37 0.83 -20.51
C THR A 57 -1.03 0.19 -20.11
N TRP A 58 -1.10 -0.78 -19.21
CA TRP A 58 0.13 -1.35 -18.67
C TRP A 58 1.06 -1.89 -19.77
N PRO A 59 0.51 -2.57 -20.80
CA PRO A 59 1.41 -3.04 -21.85
C PRO A 59 2.17 -1.90 -22.54
N LYS A 60 1.65 -0.66 -22.47
CA LYS A 60 2.35 0.48 -23.05
C LYS A 60 3.51 0.99 -22.19
N LEU A 61 3.52 0.58 -20.92
CA LEU A 61 4.51 1.08 -19.97
C LEU A 61 5.54 0.02 -19.59
N LYS A 62 5.13 -1.24 -19.59
CA LYS A 62 5.92 -2.28 -18.93
C LYS A 62 7.27 -2.58 -19.58
N ASP A 63 7.45 -2.18 -20.84
CA ASP A 63 8.71 -2.46 -21.53
C ASP A 63 9.56 -1.20 -21.73
N LEU A 64 9.11 -0.09 -21.17
CA LEU A 64 9.89 1.14 -21.23
C LEU A 64 11.09 1.09 -20.28
N PRO A 65 12.15 1.85 -20.60
CA PRO A 65 13.37 1.83 -19.79
C PRO A 65 13.19 2.41 -18.39
N SER A 66 12.27 3.35 -18.22
CA SER A 66 12.14 4.06 -16.95
C SER A 66 10.74 4.66 -16.82
N LEU A 67 10.19 4.58 -15.61
CA LEU A 67 8.86 5.10 -15.31
C LEU A 67 8.96 6.18 -14.24
N GLY A 68 8.10 7.18 -14.34
CA GLY A 68 8.03 8.21 -13.32
C GLY A 68 6.85 7.96 -12.37
N ILE A 69 7.13 8.08 -11.08
CA ILE A 69 6.08 7.99 -10.06
C ILE A 69 6.05 9.31 -9.31
N SER A 70 4.86 9.92 -9.22
CA SER A 70 4.66 11.15 -8.44
C SER A 70 3.55 10.87 -7.44
N VAL A 71 3.75 11.26 -6.18
CA VAL A 71 2.71 11.12 -5.15
CA VAL A 71 2.70 11.10 -5.17
C VAL A 71 1.74 12.29 -5.26
N LEU A 72 0.47 12.00 -5.49
CA LEU A 72 -0.51 13.07 -5.70
C LEU A 72 -0.92 13.81 -4.44
N GLY A 73 -1.08 15.13 -4.57
CA GLY A 73 -1.37 15.98 -3.42
C GLY A 73 -2.84 16.24 -3.24
N GLU A 74 -3.22 16.95 -2.18
CA GLU A 74 -4.63 17.05 -1.86
C GLU A 74 -5.39 17.88 -2.90
N ALA A 75 -4.67 18.65 -3.72
CA ALA A 75 -5.31 19.38 -4.82
C ALA A 75 -5.50 18.52 -6.07
N HIS A 76 -5.06 17.26 -6.00
CA HIS A 76 -5.06 16.41 -7.18
C HIS A 76 -6.19 15.38 -7.20
N ASP A 77 -7.33 15.67 -6.57
CA ASP A 77 -8.46 14.76 -6.69
C ASP A 77 -8.93 14.66 -8.15
N THR A 78 -9.06 15.81 -8.80
CA THR A 78 -9.38 15.82 -10.22
C THR A 78 -8.31 15.10 -11.03
N ALA A 79 -7.06 15.35 -10.69
CA ALA A 79 -5.95 14.74 -11.42
C ALA A 79 -5.99 13.22 -11.31
N ALA A 80 -6.31 12.69 -10.13
CA ALA A 80 -6.37 11.26 -9.94
C ALA A 80 -7.46 10.65 -10.83
N ARG A 81 -8.64 11.27 -10.84
CA ARG A 81 -9.74 10.78 -11.66
C ARG A 81 -9.39 10.84 -13.14
N THR A 82 -8.76 11.92 -13.57
CA THR A 82 -8.38 12.07 -14.97
CA THR A 82 -8.39 12.07 -14.98
C THR A 82 -7.32 11.07 -15.40
N LEU A 83 -6.35 10.81 -14.53
CA LEU A 83 -5.30 9.83 -14.81
C LEU A 83 -5.86 8.41 -14.87
N ALA A 84 -7.09 8.24 -14.40
CA ALA A 84 -7.70 6.91 -14.46
C ALA A 84 -8.69 6.77 -15.61
N ALA A 85 -9.00 7.87 -16.28
CA ALA A 85 -10.07 7.89 -17.28
C ALA A 85 -9.82 6.93 -18.44
N LYS A 86 -10.84 6.16 -18.80
CA LYS A 86 -10.67 5.18 -19.87
C LYS A 86 -10.59 5.87 -21.23
N THR A 87 -11.06 7.11 -21.32
CA THR A 87 -10.91 7.85 -22.58
C THR A 87 -10.46 9.27 -22.33
N GLY A 88 -9.95 9.90 -23.38
CA GLY A 88 -9.57 11.29 -23.29
C GLY A 88 -8.15 11.47 -22.80
N ASP A 89 -7.77 12.73 -22.61
CA ASP A 89 -6.41 13.10 -22.25
C ASP A 89 -6.22 12.95 -20.73
N ARG A 90 -5.48 11.91 -20.33
CA ARG A 90 -5.25 11.65 -18.91
C ARG A 90 -4.43 12.71 -18.21
N PHE A 91 -3.80 13.59 -18.98
CA PHE A 91 -2.95 14.61 -18.41
C PHE A 91 -3.55 16.01 -18.51
N ALA A 92 -4.79 16.09 -19.01
CA ALA A 92 -5.47 17.39 -19.15
C ALA A 92 -5.46 18.13 -17.83
N GLY A 93 -4.98 19.36 -17.84
CA GLY A 93 -5.00 20.18 -16.64
C GLY A 93 -3.73 20.12 -15.80
N LEU A 94 -2.80 19.25 -16.17
CA LEU A 94 -1.61 19.00 -15.36
C LEU A 94 -0.38 19.67 -15.91
N GLU A 95 0.46 20.18 -15.00
CA GLU A 95 1.80 20.58 -15.36
C GLU A 95 2.72 19.39 -15.16
N THR A 96 3.42 18.97 -16.21
CA THR A 96 4.34 17.84 -16.12
C THR A 96 5.75 18.15 -16.63
N GLU A 97 6.70 17.31 -16.22
CA GLU A 97 8.07 17.32 -16.75
C GLU A 97 8.41 15.95 -17.30
N SER A 98 9.06 15.91 -18.47
CA SER A 98 9.50 14.65 -19.04
C SER A 98 11.01 14.61 -19.02
N ARG A 99 11.58 13.57 -18.43
CA ARG A 99 13.02 13.43 -18.40
C ARG A 99 13.55 12.80 -19.68
N ASP A 100 14.83 12.99 -19.95
CA ASP A 100 15.44 12.39 -21.13
C ASP A 100 15.24 10.86 -21.12
N SER A 101 15.13 10.27 -19.93
CA SER A 101 14.92 8.82 -19.82
C SER A 101 13.53 8.39 -20.25
N GLY A 102 12.61 9.34 -20.39
CA GLY A 102 11.24 9.02 -20.77
C GLY A 102 10.31 9.04 -19.56
N ALA A 103 10.88 9.03 -18.36
CA ALA A 103 10.07 9.11 -17.15
C ALA A 103 9.35 10.45 -17.09
N VAL A 104 8.08 10.44 -16.68
CA VAL A 104 7.29 11.66 -16.57
C VAL A 104 6.83 11.90 -15.13
N PHE A 105 6.92 13.16 -14.71
CA PHE A 105 6.56 13.55 -13.35
C PHE A 105 5.56 14.70 -13.33
N ILE A 106 4.81 14.77 -12.24
CA ILE A 106 3.79 15.78 -12.07
C ILE A 106 4.33 16.94 -11.22
N ASN A 107 4.30 18.14 -11.76
CA ASN A 107 4.74 19.29 -10.98
C ASN A 107 3.78 19.56 -9.82
N GLY A 108 4.32 19.97 -8.68
CA GLY A 108 3.50 20.33 -7.54
C GLY A 108 3.18 19.15 -6.65
N THR A 109 3.97 18.08 -6.80
CA THR A 109 3.82 16.91 -5.92
C THR A 109 5.03 16.78 -5.00
N SER A 110 4.83 16.11 -3.87
CA SER A 110 5.85 16.04 -2.82
CA SER A 110 5.86 16.05 -2.82
C SER A 110 7.10 15.27 -3.21
N VAL A 111 6.91 14.15 -3.90
CA VAL A 111 8.01 13.25 -4.18
C VAL A 111 7.95 12.74 -5.61
N TRP A 112 9.11 12.77 -6.26
CA TRP A 112 9.29 12.16 -7.56
C TRP A 112 10.19 10.95 -7.41
N LEU A 113 9.73 9.79 -7.87
CA LEU A 113 10.52 8.58 -7.76
C LEU A 113 10.67 7.99 -9.17
N GLU A 114 11.91 7.85 -9.63
CA GLU A 114 12.16 7.24 -10.92
C GLU A 114 12.56 5.79 -10.73
N SER A 115 12.09 4.90 -11.60
CA SER A 115 12.33 3.49 -11.38
C SER A 115 12.16 2.66 -12.63
N ALA A 116 12.61 1.41 -12.53
CA ALA A 116 12.48 0.45 -13.62
C ALA A 116 12.05 -0.88 -13.05
N ILE A 117 11.41 -1.69 -13.88
CA ILE A 117 10.84 -2.95 -13.41
C ILE A 117 11.93 -3.92 -12.95
N GLU A 118 11.72 -4.50 -11.77
CA GLU A 118 12.64 -5.46 -11.17
C GLU A 118 12.06 -6.88 -11.27
N GLN A 119 10.79 -7.03 -10.92
CA GLN A 119 10.14 -8.32 -11.02
C GLN A 119 8.65 -8.16 -11.23
N LEU A 120 8.06 -9.10 -11.96
CA LEU A 120 6.61 -9.14 -12.16
C LEU A 120 6.08 -10.41 -11.51
N VAL A 121 5.23 -10.24 -10.51
CA VAL A 121 4.73 -11.36 -9.73
C VAL A 121 3.23 -11.58 -9.97
N PRO A 122 2.87 -12.65 -10.68
CA PRO A 122 1.44 -12.87 -10.87
C PRO A 122 0.74 -13.03 -9.54
N ALA A 123 -0.44 -12.41 -9.41
CA ALA A 123 -1.17 -12.46 -8.15
C ALA A 123 -2.67 -12.39 -8.41
N GLY A 124 -3.25 -13.53 -8.74
CA GLY A 124 -4.65 -13.59 -9.11
C GLY A 124 -4.97 -12.72 -10.31
N ASP A 125 -5.97 -11.85 -10.17
CA ASP A 125 -6.36 -10.97 -11.27
C ASP A 125 -5.50 -9.72 -11.43
N HIS A 126 -4.45 -9.61 -10.61
CA HIS A 126 -3.45 -8.56 -10.74
C HIS A 126 -2.06 -9.15 -10.88
N THR A 127 -1.09 -8.27 -11.10
CA THR A 127 0.32 -8.59 -11.04
C THR A 127 0.97 -7.59 -10.08
N ILE A 128 1.76 -8.11 -9.12
CA ILE A 128 2.52 -7.24 -8.26
C ILE A 128 3.79 -6.85 -9.00
N VAL A 129 3.94 -5.56 -9.27
CA VAL A 129 5.05 -5.04 -10.04
C VAL A 129 6.08 -4.51 -9.07
N VAL A 130 7.23 -5.18 -8.98
CA VAL A 130 8.31 -4.70 -8.12
C VAL A 130 9.25 -3.84 -8.94
N LEU A 131 9.54 -2.63 -8.46
CA LEU A 131 10.35 -1.66 -9.19
C LEU A 131 11.59 -1.29 -8.42
N ARG A 132 12.73 -1.19 -9.12
CA ARG A 132 13.95 -0.72 -8.49
C ARG A 132 14.06 0.79 -8.67
N VAL A 133 14.20 1.51 -7.57
CA VAL A 133 14.26 2.97 -7.60
C VAL A 133 15.64 3.43 -8.05
N SER A 134 15.68 4.26 -9.08
CA SER A 134 16.95 4.79 -9.59
C SER A 134 17.25 6.22 -9.18
N ASP A 135 16.22 6.97 -8.80
CA ASP A 135 16.40 8.34 -8.36
C ASP A 135 15.18 8.74 -7.55
N ILE A 136 15.39 9.55 -6.52
CA ILE A 136 14.26 10.04 -5.73
C ILE A 136 14.49 11.48 -5.27
N VAL A 137 13.46 12.30 -5.39
CA VAL A 137 13.53 13.71 -4.99
C VAL A 137 12.37 14.04 -4.07
N ILE A 138 12.66 14.63 -2.91
CA ILE A 138 11.63 15.27 -2.12
C ILE A 138 11.56 16.74 -2.54
N ASN A 139 10.47 17.13 -3.18
CA ASN A 139 10.29 18.50 -3.68
C ASN A 139 9.82 19.52 -2.63
N GLU A 140 8.92 19.12 -1.76
CA GLU A 140 8.35 19.98 -0.72
C GLU A 140 7.31 19.16 0.03
N ALA A 141 6.93 19.63 1.21
CA ALA A 141 5.98 18.90 2.04
C ALA A 141 4.51 19.15 1.66
N VAL A 142 4.14 18.86 0.41
CA VAL A 142 2.76 19.01 -0.04
C VAL A 142 1.85 17.94 0.60
N PRO A 143 0.75 18.33 1.24
CA PRO A 143 -0.12 17.31 1.87
C PRO A 143 -0.74 16.41 0.79
N PRO A 144 -0.87 15.10 1.09
CA PRO A 144 -1.29 14.14 0.06
C PRO A 144 -2.78 13.97 -0.03
N ILE A 145 -3.24 13.49 -1.18
CA ILE A 145 -4.62 13.03 -1.31
C ILE A 145 -4.65 11.58 -0.75
N VAL A 146 -5.79 11.19 -0.19
CA VAL A 146 -5.94 9.82 0.30
C VAL A 146 -7.21 9.25 -0.31
N PHE A 147 -7.10 8.10 -0.95
CA PHE A 147 -8.27 7.43 -1.55
C PHE A 147 -8.85 6.47 -0.52
N HIS A 148 -10.14 6.60 -0.24
CA HIS A 148 -10.78 5.81 0.81
C HIS A 148 -12.28 5.71 0.55
N ARG A 149 -12.78 4.49 0.46
CA ARG A 149 -14.23 4.24 0.25
C ARG A 149 -14.76 5.02 -0.94
N SER A 150 -14.04 4.95 -2.05
CA SER A 150 -14.44 5.55 -3.32
C SER A 150 -14.43 7.07 -3.31
N ALA A 151 -13.83 7.67 -2.28
CA ALA A 151 -13.76 9.12 -2.15
C ALA A 151 -12.32 9.58 -2.07
N PHE A 152 -12.07 10.84 -2.42
CA PHE A 152 -10.74 11.43 -2.29
C PHE A 152 -10.74 12.35 -1.10
N ARG A 153 -9.98 11.99 -0.07
CA ARG A 153 -10.00 12.66 1.21
C ARG A 153 -8.68 13.40 1.44
N LYS A 154 -8.71 14.37 2.35
CA LYS A 154 -7.49 15.01 2.81
C LYS A 154 -7.23 14.57 4.23
N LEU A 155 -5.99 14.71 4.68
CA LEU A 155 -5.67 14.42 6.08
C LEU A 155 -6.20 15.56 6.94
N GLY A 156 -6.68 15.22 8.14
CA GLY A 156 -7.14 16.23 9.07
C GLY A 156 -5.99 16.96 9.74
N ASP B 1 20.00 11.44 -2.13
CA ASP B 1 20.73 10.18 -2.14
C ASP B 1 19.75 9.01 -2.13
N LEU B 2 20.28 7.81 -2.31
CA LEU B 2 19.47 6.59 -2.17
C LEU B 2 19.87 5.84 -0.91
N SER B 3 20.26 6.60 0.12
CA SER B 3 20.61 6.00 1.39
C SER B 3 19.34 5.63 2.14
N PRO B 4 19.45 4.67 3.06
CA PRO B 4 18.26 4.20 3.80
C PRO B 4 17.48 5.30 4.51
N THR B 5 18.14 6.26 5.16
CA THR B 5 17.39 7.32 5.84
C THR B 5 16.68 8.25 4.85
N SER B 6 17.34 8.57 3.74
CA SER B 6 16.74 9.44 2.73
CA SER B 6 16.74 9.44 2.73
C SER B 6 15.58 8.73 2.03
N LEU B 7 15.75 7.45 1.74
CA LEU B 7 14.66 6.66 1.14
C LEU B 7 13.49 6.60 2.11
N ARG B 8 13.78 6.33 3.38
CA ARG B 8 12.72 6.26 4.38
C ARG B 8 11.94 7.55 4.42
N GLU B 9 12.65 8.68 4.37
CA GLU B 9 11.98 9.96 4.44
C GLU B 9 11.08 10.20 3.21
N ALA B 10 11.61 9.87 2.04
CA ALA B 10 10.87 10.08 0.80
C ALA B 10 9.63 9.17 0.78
N PHE B 11 9.81 7.91 1.10
CA PHE B 11 8.68 6.98 1.16
C PHE B 11 7.60 7.45 2.14
N GLY B 12 8.00 8.15 3.21
CA GLY B 12 7.06 8.57 4.21
C GLY B 12 6.04 9.58 3.71
N HIS B 13 6.34 10.20 2.58
CA HIS B 13 5.40 11.16 2.00
C HIS B 13 4.21 10.48 1.36
N PHE B 14 4.32 9.17 1.14
CA PHE B 14 3.18 8.43 0.65
CA PHE B 14 3.24 8.36 0.60
C PHE B 14 2.38 7.85 1.80
N PRO B 15 1.12 8.30 1.94
CA PRO B 15 0.32 7.88 3.11
C PRO B 15 -0.32 6.51 2.91
N SER B 16 -0.46 5.76 3.99
CA SER B 16 -1.18 4.49 3.90
C SER B 16 -1.74 4.05 5.23
N GLY B 17 -2.71 3.16 5.19
CA GLY B 17 -3.27 2.57 6.39
C GLY B 17 -2.23 1.68 7.05
N VAL B 18 -2.58 1.25 8.26
CA VAL B 18 -1.70 0.38 9.03
C VAL B 18 -2.48 -0.84 9.47
N ILE B 19 -1.85 -2.00 9.43
CA ILE B 19 -2.53 -3.20 9.90
C ILE B 19 -1.80 -3.82 11.09
N ALA B 20 -2.57 -4.55 11.89
CA ALA B 20 -2.01 -5.54 12.81
C ALA B 20 -2.13 -6.91 12.17
N ILE B 21 -1.04 -7.67 12.19
CA ILE B 21 -1.07 -9.06 11.76
C ILE B 21 -0.82 -9.89 13.01
N ALA B 22 -1.73 -10.81 13.33
CA ALA B 22 -1.65 -11.48 14.63
C ALA B 22 -2.27 -12.86 14.62
N ALA B 23 -1.76 -13.72 15.49
CA ALA B 23 -2.33 -15.04 15.70
C ALA B 23 -2.00 -15.47 17.11
N GLU B 24 -2.56 -16.59 17.52
CA GLU B 24 -2.39 -17.07 18.88
C GLU B 24 -1.80 -18.47 18.82
N VAL B 25 -0.79 -18.72 19.66
CA VAL B 25 -0.17 -20.04 19.75
C VAL B 25 -0.20 -20.41 21.22
N ASP B 26 -0.81 -21.54 21.56
CA ASP B 26 -0.88 -21.98 22.96
C ASP B 26 -1.45 -20.86 23.85
N GLY B 27 -2.41 -20.11 23.32
CA GLY B 27 -3.05 -19.04 24.07
C GLY B 27 -2.31 -17.71 24.15
N THR B 28 -1.12 -17.65 23.58
CA THR B 28 -0.32 -16.43 23.59
C THR B 28 -0.42 -15.70 22.26
N ARG B 29 -0.78 -14.43 22.31
CA ARG B 29 -0.94 -13.63 21.09
C ARG B 29 0.44 -13.20 20.60
N VAL B 30 0.64 -13.33 19.29
CA VAL B 30 1.89 -12.98 18.62
C VAL B 30 1.49 -12.07 17.48
N GLY B 31 2.14 -10.93 17.34
CA GLY B 31 1.74 -10.03 16.26
C GLY B 31 2.72 -8.92 15.98
N LEU B 32 2.44 -8.14 14.92
CA LEU B 32 3.28 -7.00 14.57
C LEU B 32 2.44 -5.99 13.80
N ALA B 33 2.94 -4.76 13.68
CA ALA B 33 2.28 -3.74 12.86
C ALA B 33 2.93 -3.71 11.48
N ALA B 34 2.13 -3.45 10.44
CA ALA B 34 2.70 -3.26 9.11
C ALA B 34 2.00 -2.11 8.40
N SER B 35 2.79 -1.27 7.75
CA SER B 35 2.24 -0.18 6.96
C SER B 35 2.17 -0.53 5.48
N THR B 36 2.55 -1.76 5.12
CA THR B 36 2.71 -2.18 3.74
C THR B 36 1.58 -3.08 3.21
N PHE B 37 0.41 -3.04 3.83
CA PHE B 37 -0.72 -3.80 3.31
C PHE B 37 -1.14 -3.32 1.91
N VAL B 38 -1.38 -4.28 1.03
CA VAL B 38 -1.90 -4.01 -0.31
C VAL B 38 -3.10 -4.93 -0.60
N PRO B 39 -4.25 -4.37 -0.98
CA PRO B 39 -5.34 -5.20 -1.50
C PRO B 39 -4.96 -5.54 -2.94
N VAL B 40 -4.82 -6.84 -3.23
CA VAL B 40 -4.22 -7.25 -4.50
C VAL B 40 -5.18 -7.79 -5.56
N SER B 41 -6.02 -8.73 -5.18
CA SER B 41 -6.86 -9.42 -6.16
C SER B 41 -8.26 -9.68 -5.63
N LEU B 42 -9.26 -9.64 -6.52
CA LEU B 42 -10.62 -9.95 -6.12
C LEU B 42 -10.95 -11.42 -6.38
N GLU B 43 -10.49 -11.93 -7.52
CA GLU B 43 -10.73 -13.32 -7.87
C GLU B 43 -9.44 -13.96 -8.34
N PRO B 44 -8.81 -14.78 -7.48
CA PRO B 44 -9.28 -15.08 -6.12
C PRO B 44 -8.93 -13.94 -5.17
N PRO B 45 -9.46 -13.96 -3.94
CA PRO B 45 -9.22 -12.84 -3.00
C PRO B 45 -7.81 -12.89 -2.43
N LEU B 46 -6.98 -11.92 -2.77
CA LEU B 46 -5.60 -11.92 -2.31
C LEU B 46 -5.23 -10.55 -1.79
N VAL B 47 -4.37 -10.55 -0.78
CA VAL B 47 -3.76 -9.33 -0.26
C VAL B 47 -2.27 -9.58 -0.12
N ALA B 48 -1.51 -8.55 0.21
CA ALA B 48 -0.07 -8.70 0.44
C ALA B 48 0.42 -7.70 1.48
N PHE B 49 1.59 -7.99 2.03
CA PHE B 49 2.35 -6.96 2.74
CA PHE B 49 2.36 -6.99 2.78
C PHE B 49 3.83 -7.32 2.62
N ALA B 50 4.69 -6.46 3.11
CA ALA B 50 6.15 -6.69 3.04
C ALA B 50 6.72 -6.81 4.43
N VAL B 51 7.42 -7.91 4.70
CA VAL B 51 8.00 -8.13 6.02
C VAL B 51 9.53 -8.03 5.98
N GLN B 52 10.08 -7.37 7.00
CA GLN B 52 11.54 -7.24 7.11
C GLN B 52 12.17 -8.62 7.21
N ASN B 53 13.19 -8.89 6.40
CA ASN B 53 13.83 -10.19 6.45
C ASN B 53 14.51 -10.47 7.78
N SER B 54 14.84 -9.41 8.51
CA SER B 54 15.49 -9.58 9.81
C SER B 54 14.49 -9.78 10.95
N SER B 55 13.20 -9.81 10.64
CA SER B 55 12.20 -9.92 11.69
C SER B 55 12.39 -11.17 12.53
N THR B 56 12.32 -11.01 13.85
CA THR B 56 12.33 -12.16 14.75
C THR B 56 10.94 -12.62 15.12
N THR B 57 9.92 -11.83 14.80
CA THR B 57 8.54 -12.24 15.03
C THR B 57 7.96 -13.04 13.87
N TRP B 58 8.26 -12.62 12.63
CA TRP B 58 7.69 -13.31 11.48
C TRP B 58 7.91 -14.84 11.44
N PRO B 59 9.11 -15.33 11.81
CA PRO B 59 9.29 -16.79 11.84
C PRO B 59 8.30 -17.52 12.74
N LYS B 60 7.76 -16.82 13.73
CA LYS B 60 6.78 -17.41 14.66
C LYS B 60 5.36 -17.35 14.13
N LEU B 61 5.16 -16.60 13.04
CA LEU B 61 3.84 -16.49 12.41
C LEU B 61 3.77 -17.25 11.10
N LYS B 62 4.88 -17.34 10.38
CA LYS B 62 4.80 -17.78 8.97
C LYS B 62 4.35 -19.23 8.75
N ASP B 63 4.51 -20.08 9.75
CA ASP B 63 4.12 -21.47 9.60
C ASP B 63 2.74 -21.76 10.20
N LEU B 64 2.09 -20.74 10.77
CA LEU B 64 0.77 -20.95 11.37
C LEU B 64 -0.30 -21.08 10.30
N PRO B 65 -1.39 -21.76 10.62
CA PRO B 65 -2.40 -22.02 9.59
C PRO B 65 -3.17 -20.76 9.14
N SER B 66 -3.37 -19.80 10.02
CA SER B 66 -4.19 -18.64 9.67
C SER B 66 -3.74 -17.41 10.45
N LEU B 67 -3.74 -16.27 9.76
CA LEU B 67 -3.30 -15.02 10.37
C LEU B 67 -4.44 -14.02 10.33
N GLY B 68 -4.61 -13.25 11.39
CA GLY B 68 -5.63 -12.21 11.39
C GLY B 68 -5.05 -10.86 10.99
N ILE B 69 -5.70 -10.20 10.04
CA ILE B 69 -5.29 -8.85 9.66
C ILE B 69 -6.38 -7.88 10.11
N SER B 70 -6.00 -6.87 10.88
CA SER B 70 -6.93 -5.83 11.35
C SER B 70 -6.45 -4.49 10.83
N VAL B 71 -7.33 -3.78 10.11
CA VAL B 71 -7.01 -2.43 9.63
C VAL B 71 -7.26 -1.46 10.78
N LEU B 72 -6.19 -0.86 11.30
CA LEU B 72 -6.28 -0.07 12.53
C LEU B 72 -7.11 1.19 12.36
N GLY B 73 -7.89 1.52 13.38
CA GLY B 73 -8.74 2.70 13.37
C GLY B 73 -8.04 3.95 13.84
N GLU B 74 -8.71 5.09 13.70
CA GLU B 74 -8.05 6.37 13.92
C GLU B 74 -7.68 6.67 15.38
N ALA B 75 -8.21 5.89 16.31
CA ALA B 75 -7.79 6.01 17.72
C ALA B 75 -6.68 5.03 18.10
N HIS B 76 -6.15 4.29 17.13
CA HIS B 76 -5.12 3.30 17.41
C HIS B 76 -3.72 3.80 17.09
N ASP B 77 -3.48 5.09 17.27
CA ASP B 77 -2.15 5.63 17.05
C ASP B 77 -1.18 5.00 18.04
N THR B 78 -1.55 4.95 19.32
CA THR B 78 -0.65 4.36 20.30
C THR B 78 -0.57 2.84 20.07
N ALA B 79 -1.69 2.24 19.66
CA ALA B 79 -1.70 0.80 19.40
C ALA B 79 -0.70 0.43 18.30
N ALA B 80 -0.62 1.25 17.26
CA ALA B 80 0.31 0.98 16.15
C ALA B 80 1.75 0.94 16.62
N ARG B 81 2.15 1.96 17.38
CA ARG B 81 3.50 1.98 17.92
C ARG B 81 3.68 0.81 18.88
N THR B 82 2.66 0.50 19.67
CA THR B 82 2.79 -0.57 20.66
C THR B 82 2.99 -1.94 19.99
N LEU B 83 2.28 -2.16 18.89
CA LEU B 83 2.41 -3.42 18.14
C LEU B 83 3.78 -3.56 17.47
N ALA B 84 4.54 -2.48 17.44
CA ALA B 84 5.87 -2.52 16.84
C ALA B 84 6.97 -2.70 17.87
N ALA B 85 6.65 -2.64 19.15
CA ALA B 85 7.66 -2.66 20.20
C ALA B 85 8.58 -3.89 20.14
N LYS B 86 9.89 -3.66 20.17
CA LYS B 86 10.85 -4.76 20.23
C LYS B 86 10.62 -5.65 21.46
N THR B 87 10.50 -5.01 22.63
CA THR B 87 10.14 -5.72 23.85
C THR B 87 8.93 -5.01 24.45
N GLY B 88 8.20 -5.73 25.31
CA GLY B 88 7.01 -5.19 25.94
C GLY B 88 5.76 -5.84 25.34
N ASP B 89 4.64 -5.65 26.01
CA ASP B 89 3.40 -6.23 25.56
C ASP B 89 2.84 -5.50 24.34
N ARG B 90 2.85 -6.15 23.18
CA ARG B 90 2.37 -5.54 21.95
C ARG B 90 0.86 -5.34 21.88
N PHE B 91 0.15 -5.95 22.82
CA PHE B 91 -1.31 -5.87 22.83
C PHE B 91 -1.80 -5.10 24.05
N ALA B 92 -0.90 -4.35 24.69
CA ALA B 92 -1.25 -3.61 25.90
C ALA B 92 -2.43 -2.67 25.68
N GLY B 93 -3.47 -2.81 26.50
CA GLY B 93 -4.62 -1.94 26.42
C GLY B 93 -5.48 -2.16 25.20
N LEU B 94 -5.29 -3.30 24.54
CA LEU B 94 -6.15 -3.68 23.42
C LEU B 94 -7.17 -4.73 23.83
N GLU B 95 -8.31 -4.74 23.15
CA GLU B 95 -9.26 -5.81 23.28
C GLU B 95 -9.16 -6.64 22.01
N THR B 96 -8.97 -7.95 22.14
CA THR B 96 -8.84 -8.79 20.95
C THR B 96 -9.79 -9.98 20.96
N GLU B 97 -9.93 -10.59 19.78
CA GLU B 97 -10.70 -11.81 19.60
C GLU B 97 -9.81 -12.83 18.92
N SER B 98 -9.84 -14.07 19.44
CA SER B 98 -9.07 -15.17 18.87
C SER B 98 -10.01 -16.17 18.25
N ARG B 99 -9.89 -16.39 16.96
CA ARG B 99 -10.76 -17.34 16.30
C ARG B 99 -10.25 -18.76 16.48
N ASP B 100 -11.13 -19.74 16.24
CA ASP B 100 -10.75 -21.14 16.38
C ASP B 100 -9.62 -21.54 15.43
N SER B 101 -9.45 -20.77 14.35
CA SER B 101 -8.34 -21.00 13.42
C SER B 101 -7.00 -20.53 13.97
N GLY B 102 -7.03 -19.78 15.07
CA GLY B 102 -5.82 -19.21 15.63
C GLY B 102 -5.59 -17.76 15.21
N ALA B 103 -6.35 -17.28 14.22
CA ALA B 103 -6.21 -15.89 13.79
C ALA B 103 -6.67 -14.98 14.91
N VAL B 104 -5.98 -13.85 15.09
CA VAL B 104 -6.30 -12.89 16.13
C VAL B 104 -6.62 -11.53 15.50
N PHE B 105 -7.70 -10.93 15.99
CA PHE B 105 -8.16 -9.63 15.48
C PHE B 105 -8.27 -8.61 16.60
N ILE B 106 -8.13 -7.33 16.25
CA ILE B 106 -8.25 -6.27 17.24
C ILE B 106 -9.66 -5.68 17.22
N ASN B 107 -10.32 -5.65 18.37
CA ASN B 107 -11.66 -5.10 18.43
C ASN B 107 -11.60 -3.59 18.20
N GLY B 108 -12.63 -3.05 17.55
CA GLY B 108 -12.71 -1.61 17.35
C GLY B 108 -11.92 -1.14 16.14
N THR B 109 -11.52 -2.06 15.27
CA THR B 109 -10.79 -1.68 14.06
C THR B 109 -11.72 -1.60 12.86
N SER B 110 -11.22 -1.03 11.77
CA SER B 110 -12.06 -0.79 10.61
C SER B 110 -12.45 -2.06 9.83
N VAL B 111 -11.53 -3.00 9.70
CA VAL B 111 -11.77 -4.21 8.91
C VAL B 111 -10.97 -5.37 9.51
N TRP B 112 -11.58 -6.55 9.52
CA TRP B 112 -10.88 -7.79 9.85
C TRP B 112 -10.81 -8.64 8.59
N LEU B 113 -9.63 -9.14 8.27
CA LEU B 113 -9.47 -10.07 7.17
CA LEU B 113 -9.48 -10.08 7.17
C LEU B 113 -8.75 -11.31 7.69
N GLU B 114 -9.39 -12.47 7.58
CA GLU B 114 -8.72 -13.70 7.94
C GLU B 114 -7.93 -14.17 6.74
N SER B 115 -6.67 -14.56 6.94
CA SER B 115 -5.78 -14.78 5.80
CA SER B 115 -5.79 -14.77 5.80
C SER B 115 -4.89 -15.99 5.95
N ALA B 116 -4.42 -16.52 4.82
CA ALA B 116 -3.48 -17.64 4.81
C ALA B 116 -2.43 -17.41 3.75
N ILE B 117 -1.17 -17.69 4.07
CA ILE B 117 -0.07 -17.45 3.14
C ILE B 117 -0.17 -18.27 1.86
N GLU B 118 -0.08 -17.57 0.74
CA GLU B 118 -0.13 -18.14 -0.61
C GLU B 118 1.25 -18.18 -1.28
N GLN B 119 2.01 -17.10 -1.13
CA GLN B 119 3.33 -17.01 -1.72
C GLN B 119 4.27 -16.12 -0.93
N LEU B 120 5.54 -16.47 -0.90
CA LEU B 120 6.57 -15.65 -0.29
C LEU B 120 7.58 -15.28 -1.37
N VAL B 121 7.70 -14.00 -1.62
CA VAL B 121 8.55 -13.50 -2.71
C VAL B 121 9.69 -12.65 -2.17
N PRO B 122 10.93 -13.14 -2.29
CA PRO B 122 12.07 -12.35 -1.82
C PRO B 122 12.11 -11.00 -2.54
N ALA B 123 12.35 -9.93 -1.79
CA ALA B 123 12.35 -8.59 -2.37
C ALA B 123 13.33 -7.70 -1.63
N GLY B 124 14.62 -7.86 -1.93
CA GLY B 124 15.62 -7.03 -1.29
C GLY B 124 15.70 -7.39 0.19
N ASP B 125 15.66 -6.38 1.04
CA ASP B 125 15.75 -6.62 2.47
C ASP B 125 14.42 -6.99 3.12
N HIS B 126 13.39 -7.12 2.28
CA HIS B 126 12.08 -7.64 2.72
C HIS B 126 11.67 -8.87 1.94
N THR B 127 10.53 -9.43 2.35
CA THR B 127 9.86 -10.47 1.61
C THR B 127 8.42 -10.01 1.41
N ILE B 128 7.97 -10.07 0.16
CA ILE B 128 6.56 -9.80 -0.11
C ILE B 128 5.76 -11.05 0.18
N VAL B 129 4.80 -10.92 1.08
CA VAL B 129 3.97 -12.04 1.48
C VAL B 129 2.60 -11.86 0.83
N VAL B 130 2.21 -12.82 0.00
CA VAL B 130 0.89 -12.80 -0.63
C VAL B 130 -0.03 -13.75 0.12
N LEU B 131 -1.19 -13.27 0.55
CA LEU B 131 -2.11 -14.10 1.33
C LEU B 131 -3.50 -14.19 0.71
N ARG B 132 -4.14 -15.32 0.91
CA ARG B 132 -5.51 -15.54 0.47
C ARG B 132 -6.44 -15.10 1.59
N VAL B 133 -7.52 -14.39 1.25
CA VAL B 133 -8.46 -13.94 2.26
C VAL B 133 -9.62 -14.93 2.35
N SER B 134 -9.90 -15.38 3.57
CA SER B 134 -10.92 -16.40 3.77
C SER B 134 -12.18 -15.91 4.48
N ASP B 135 -12.10 -14.75 5.13
CA ASP B 135 -13.27 -14.19 5.81
C ASP B 135 -13.05 -12.71 5.98
N ILE B 136 -14.16 -11.95 6.08
CA ILE B 136 -14.13 -10.50 6.15
C ILE B 136 -15.17 -9.98 7.13
N VAL B 137 -14.78 -9.02 7.97
CA VAL B 137 -15.72 -8.26 8.78
C VAL B 137 -15.42 -6.78 8.66
N ILE B 138 -16.45 -5.98 8.38
CA ILE B 138 -16.29 -4.54 8.25
C ILE B 138 -16.99 -3.83 9.40
N ASN B 139 -16.32 -2.82 9.96
CA ASN B 139 -16.92 -1.93 10.95
C ASN B 139 -16.98 -0.51 10.39
N GLU B 140 -18.10 -0.21 9.73
CA GLU B 140 -18.28 1.04 8.99
C GLU B 140 -18.15 2.30 9.85
N ALA B 141 -18.30 2.16 11.15
CA ALA B 141 -18.30 3.30 12.07
C ALA B 141 -16.90 3.68 12.56
N VAL B 142 -15.89 2.95 12.11
CA VAL B 142 -14.54 3.25 12.56
C VAL B 142 -13.69 3.72 11.38
N PRO B 143 -13.43 5.02 11.31
CA PRO B 143 -12.53 5.48 10.25
C PRO B 143 -11.10 5.00 10.54
N PRO B 144 -10.27 4.81 9.49
CA PRO B 144 -8.94 4.23 9.69
C PRO B 144 -7.85 5.24 10.03
N ILE B 145 -6.80 4.77 10.68
CA ILE B 145 -5.62 5.59 10.92
C ILE B 145 -4.81 5.65 9.62
N VAL B 146 -4.07 6.74 9.41
CA VAL B 146 -3.19 6.85 8.26
C VAL B 146 -1.77 7.15 8.75
N PHE B 147 -0.80 6.36 8.31
CA PHE B 147 0.60 6.58 8.62
C PHE B 147 1.21 7.46 7.51
N HIS B 148 1.78 8.59 7.90
CA HIS B 148 2.33 9.58 6.96
C HIS B 148 3.42 10.40 7.62
N ARG B 149 4.58 10.46 6.98
CA ARG B 149 5.71 11.24 7.47
C ARG B 149 6.00 10.93 8.93
N SER B 150 5.97 9.64 9.26
CA SER B 150 6.30 9.13 10.60
C SER B 150 5.24 9.32 11.68
N ALA B 151 4.12 9.94 11.32
CA ALA B 151 3.07 10.28 12.26
C ALA B 151 1.80 9.54 11.91
N PHE B 152 0.82 9.63 12.79
CA PHE B 152 -0.45 8.97 12.59
C PHE B 152 -1.51 10.04 12.50
N ARG B 153 -2.22 10.02 11.38
CA ARG B 153 -3.15 11.09 11.05
C ARG B 153 -4.53 10.50 10.88
N LYS B 154 -5.55 11.36 11.00
CA LYS B 154 -6.90 10.95 10.72
C LYS B 154 -7.33 11.57 9.41
N LEU B 155 -8.36 11.02 8.79
CA LEU B 155 -8.91 11.61 7.58
C LEU B 155 -9.72 12.83 7.99
N GLY B 156 -9.66 13.89 7.19
CA GLY B 156 -10.45 15.08 7.43
C GLY B 156 -11.44 15.28 6.32
N ALA B 157 -11.28 16.36 5.54
CA ALA B 157 -12.20 16.66 4.46
C ALA B 157 -12.19 15.61 3.35
N1 FMN C . -5.38 0.38 -11.65
C2 FMN C . -4.38 -0.62 -11.28
O2 FMN C . -4.00 -1.53 -12.22
N3 FMN C . -3.77 -0.61 -10.03
C4 FMN C . -4.12 0.36 -9.15
O4 FMN C . -3.55 0.39 -7.92
C4A FMN C . -5.10 1.33 -9.47
N5 FMN C . -5.45 2.32 -8.50
C5A FMN C . -6.39 3.26 -8.87
C6 FMN C . -6.74 4.34 -7.85
C7 FMN C . -7.73 5.33 -8.19
C7M FMN C . -8.02 6.46 -7.20
C8 FMN C . -8.38 5.29 -9.55
C8M FMN C . -9.43 6.36 -9.91
C9 FMN C . -8.03 4.25 -10.57
C9A FMN C . -7.02 3.23 -10.19
N10 FMN C . -6.68 2.24 -11.10
C10 FMN C . -5.72 1.28 -10.76
C1' FMN C . -7.22 2.19 -12.46
C2' FMN C . -6.40 3.12 -13.41
O2' FMN C . -5.96 4.17 -12.98
C3' FMN C . -7.14 3.20 -14.78
O3' FMN C . -8.47 3.52 -14.54
C4' FMN C . -6.99 1.92 -15.64
O4' FMN C . -5.66 1.50 -15.81
C5' FMN C . -7.70 2.20 -16.98
O5' FMN C . -7.90 1.05 -17.79
P FMN C . -6.79 0.77 -18.96
O1P FMN C . -5.33 0.45 -18.27
O2P FMN C . -7.32 -0.57 -19.75
O3P FMN C . -6.69 1.94 -19.85
N1 FMN D . 7.71 -4.26 9.94
C2 FMN D . 7.67 -5.02 8.69
O2 FMN D . 8.32 -6.23 8.63
N3 FMN D . 6.87 -4.60 7.61
C4 FMN D . 6.14 -3.45 7.74
O4 FMN D . 5.32 -3.01 6.71
C4A FMN D . 6.19 -2.70 8.94
N5 FMN D . 5.44 -1.49 9.02
C5A FMN D . 5.49 -0.79 10.23
C6 FMN D . 4.64 0.49 10.37
C7 FMN D . 4.67 1.27 11.61
C7M FMN D . 3.79 2.53 11.73
C8 FMN D . 5.53 0.79 12.75
C8M FMN D . 5.56 1.55 14.10
C9 FMN D . 6.36 -0.46 12.62
C9A FMN D . 6.32 -1.25 11.34
N10 FMN D . 7.06 -2.43 11.22
C10 FMN D . 7.00 -3.15 10.03
C1' FMN D . 7.91 -2.97 12.29
C2' FMN D . 7.07 -3.90 13.23
O2' FMN D . 5.89 -3.67 13.39
C3' FMN D . 7.89 -4.33 14.48
O3' FMN D . 8.54 -3.22 15.03
C4' FMN D . 8.89 -5.47 14.17
O4' FMN D . 8.32 -6.60 13.54
C5' FMN D . 9.56 -5.84 15.51
O5' FMN D . 10.76 -6.56 15.41
P FMN D . 10.66 -8.20 15.47
O1P FMN D . 9.67 -8.73 14.29
O2P FMN D . 12.19 -8.73 15.24
O3P FMN D . 10.13 -8.61 16.79
#